data_8SEF
#
_entry.id   8SEF
#
_cell.length_a   145.389
_cell.length_b   67.125
_cell.length_c   50.244
_cell.angle_alpha   90.00
_cell.angle_beta   106.01
_cell.angle_gamma   90.00
#
_symmetry.space_group_name_H-M   'C 1 2 1'
#
loop_
_entity.id
_entity.type
_entity.pdbx_description
1 polymer 'Cy137C02 Fab heavy chain'
2 polymer 'Cy137C02 Fab light chain'
3 non-polymer 'SULFATE ION'
4 non-polymer GLYCEROL
5 water water
#
loop_
_entity_poly.entity_id
_entity_poly.type
_entity_poly.pdbx_seq_one_letter_code
_entity_poly.pdbx_strand_id
1 'polypeptide(L)'
;QLQLQESGPGLVKPSETLSLTCAVSGGSISGYYWSWIRQPPGKGPEWIGFIDGNTVGTNYNPSLKSRVTLSKDTSKNQFS
LKVSSVTAADTAVYYCARKPLRRYFWFDVWGPGVLVTVSSASTKGPSVFPLAPSSRSTSESTAALGCLVKDYFPEPVTVS
WNSGALTSGVHTFPAVLQSSGLYSLSSVVTVPSSSLGTQTYICNVNHKPSNTKVDKRVEIKTC
;
H
2 'polypeptide(L)'
;QSVLTQPPSVSGDPGQRVTISCTGSSSNIGAGYYVYWYQQFPGTAPKLLIYQDNKRPSGVSDRFSGSKSGTSASLTITGL
QPGDEADYYCSAWDSSLSAVMFGRGTRLTVLGQPKAAPSVTLFPPSSEELQANKATLVCLISDFYPGAVEVAWKADGSAV
NAGVETTKPSKQSNNKYAASSYLSLTSDQWKSHKSYSCQVTHEGSTVEKTVAPAE
;
L
#
# COMPACT_ATOMS: atom_id res chain seq x y z
N GLN A 1 20.43 9.16 9.76
CA GLN A 1 20.61 9.12 8.31
C GLN A 1 20.72 7.68 7.84
N LEU A 2 20.32 6.75 8.70
CA LEU A 2 20.39 5.33 8.38
C LEU A 2 19.44 5.01 7.23
N GLN A 3 19.94 4.25 6.25
CA GLN A 3 19.16 3.89 5.07
C GLN A 3 19.15 2.38 4.91
N LEU A 4 17.98 1.77 5.00
CA LEU A 4 17.80 0.34 4.78
C LEU A 4 17.23 0.11 3.39
N GLN A 5 17.88 -0.76 2.63
CA GLN A 5 17.46 -1.06 1.26
C GLN A 5 17.23 -2.57 1.16
N GLU A 6 16.04 -2.96 0.73
CA GLU A 6 15.63 -4.36 0.69
C GLU A 6 15.69 -4.90 -0.73
N SER A 7 16.25 -6.10 -0.87
CA SER A 7 16.36 -6.79 -2.14
C SER A 7 15.85 -8.22 -1.98
N GLY A 8 15.32 -8.76 -3.07
CA GLY A 8 14.80 -10.11 -3.07
C GLY A 8 13.67 -10.27 -4.07
N PRO A 9 13.36 -11.50 -4.42
CA PRO A 9 12.32 -11.74 -5.43
C PRO A 9 10.94 -11.40 -4.87
N GLY A 10 10.05 -11.02 -5.78
CA GLY A 10 8.69 -10.66 -5.39
C GLY A 10 7.76 -11.86 -5.44
N LEU A 11 8.13 -12.88 -6.19
CA LEU A 11 7.33 -14.09 -6.34
C LEU A 11 8.18 -15.29 -5.94
N VAL A 12 7.59 -16.17 -5.13
CA VAL A 12 8.22 -17.43 -4.73
C VAL A 12 7.21 -18.55 -4.96
N LYS A 13 7.63 -19.60 -5.64
CA LYS A 13 6.76 -20.75 -5.83
C LYS A 13 6.58 -21.49 -4.50
N PRO A 14 5.44 -22.14 -4.30
CA PRO A 14 5.24 -22.91 -3.06
C PRO A 14 6.32 -23.96 -2.88
N SER A 15 6.64 -24.23 -1.61
CA SER A 15 7.66 -25.16 -1.15
C SER A 15 9.08 -24.70 -1.47
N GLU A 16 9.26 -23.56 -2.12
CA GLU A 16 10.58 -23.02 -2.38
C GLU A 16 11.06 -22.18 -1.19
N THR A 17 12.25 -21.61 -1.33
CA THR A 17 12.88 -20.83 -0.27
C THR A 17 12.86 -19.36 -0.64
N LEU A 18 12.22 -18.55 0.19
CA LEU A 18 12.26 -17.10 0.05
C LEU A 18 13.54 -16.56 0.67
N SER A 19 14.21 -15.65 -0.04
CA SER A 19 15.44 -15.05 0.45
C SER A 19 15.35 -13.54 0.27
N LEU A 20 15.51 -12.81 1.37
CA LEU A 20 15.50 -11.36 1.36
C LEU A 20 16.78 -10.85 2.00
N THR A 21 17.24 -9.69 1.55
CA THR A 21 18.47 -9.08 2.03
C THR A 21 18.22 -7.62 2.34
N CYS A 22 18.60 -7.20 3.55
CA CYS A 22 18.54 -5.81 3.99
C CYS A 22 19.97 -5.26 4.03
N ALA A 23 20.24 -4.27 3.19
CA ALA A 23 21.53 -3.61 3.12
C ALA A 23 21.45 -2.29 3.87
N VAL A 24 22.44 -2.03 4.73
CA VAL A 24 22.45 -0.88 5.62
C VAL A 24 23.49 0.12 5.12
N SER A 25 23.08 1.38 4.97
CA SER A 25 23.96 2.45 4.53
C SER A 25 23.87 3.60 5.53
N GLY A 26 24.99 4.28 5.72
CA GLY A 26 25.09 5.32 6.73
C GLY A 26 25.34 4.80 8.14
N GLY A 27 25.49 3.49 8.30
CA GLY A 27 25.77 2.92 9.60
C GLY A 27 26.18 1.47 9.46
N SER A 28 26.79 0.95 10.52
CA SER A 28 27.29 -0.41 10.52
C SER A 28 26.27 -1.36 11.15
N ILE A 29 26.40 -2.65 10.79
CA ILE A 29 25.55 -3.68 11.40
C ILE A 29 25.82 -3.76 12.89
N SER A 30 27.08 -3.61 13.29
CA SER A 30 27.44 -3.68 14.70
C SER A 30 26.85 -2.50 15.47
N GLY A 31 26.58 -2.73 16.75
CA GLY A 31 25.98 -1.72 17.60
C GLY A 31 24.48 -1.81 17.75
N TYR A 32 23.83 -2.71 17.02
CA TYR A 32 22.37 -2.84 17.11
C TYR A 32 21.97 -4.30 16.89
N TYR A 33 20.73 -4.61 17.25
CA TYR A 33 20.06 -5.80 16.79
C TYR A 33 19.28 -5.47 15.52
N TRP A 34 19.22 -6.44 14.61
CA TRP A 34 18.57 -6.24 13.32
C TRP A 34 17.48 -7.28 13.17
N SER A 35 16.25 -6.83 12.94
CA SER A 35 15.08 -7.69 12.97
C SER A 35 14.40 -7.73 11.60
N TRP A 36 13.66 -8.81 11.39
CA TRP A 36 12.75 -8.92 10.25
C TRP A 36 11.33 -8.98 10.77
N ILE A 37 10.46 -8.13 10.21
CA ILE A 37 9.04 -8.10 10.51
C ILE A 37 8.29 -8.34 9.21
N ARG A 38 7.13 -8.99 9.31
CA ARG A 38 6.28 -9.20 8.14
C ARG A 38 4.85 -8.84 8.47
N GLN A 39 4.14 -8.37 7.45
CA GLN A 39 2.75 -7.95 7.59
C GLN A 39 1.94 -8.46 6.40
N PRO A 40 1.10 -9.48 6.58
CA PRO A 40 0.22 -9.91 5.50
C PRO A 40 -0.72 -8.79 5.12
N PRO A 41 -0.97 -8.60 3.81
CA PRO A 41 -1.88 -7.53 3.40
C PRO A 41 -3.25 -7.66 4.03
N GLY A 42 -3.62 -6.70 4.86
CA GLY A 42 -4.88 -6.70 5.59
C GLY A 42 -4.74 -7.03 7.05
N LYS A 43 -3.62 -7.59 7.48
CA LYS A 43 -3.36 -7.96 8.87
C LYS A 43 -2.34 -7.01 9.48
N GLY A 44 -1.97 -7.30 10.72
CA GLY A 44 -0.99 -6.50 11.44
C GLY A 44 0.41 -7.08 11.35
N PRO A 45 1.36 -6.42 12.00
CA PRO A 45 2.75 -6.89 11.95
C PRO A 45 2.94 -8.19 12.71
N GLU A 46 3.95 -8.96 12.27
CA GLU A 46 4.34 -10.19 12.93
C GLU A 46 5.86 -10.22 13.01
N TRP A 47 6.38 -10.43 14.22
CA TRP A 47 7.82 -10.50 14.43
C TRP A 47 8.35 -11.85 13.98
N ILE A 48 9.35 -11.84 13.12
CA ILE A 48 9.95 -13.07 12.63
C ILE A 48 11.18 -13.46 13.44
N GLY A 49 12.00 -12.49 13.79
CA GLY A 49 13.22 -12.74 14.53
C GLY A 49 14.16 -11.55 14.41
N PHE A 50 15.24 -11.62 15.18
CA PHE A 50 16.32 -10.67 15.05
C PHE A 50 17.66 -11.36 15.26
N ILE A 51 18.70 -10.66 14.84
CA ILE A 51 20.07 -11.15 14.92
C ILE A 51 20.93 -10.07 15.55
N ASP A 52 21.87 -10.48 16.40
CA ASP A 52 22.77 -9.54 17.04
C ASP A 52 23.78 -9.01 16.03
N GLY A 53 24.03 -7.70 16.09
CA GLY A 53 24.99 -7.09 15.19
C GLY A 53 26.44 -7.34 15.55
N ASN A 54 26.73 -7.62 16.82
CA ASN A 54 28.08 -7.86 17.30
C ASN A 54 28.41 -9.35 17.41
N THR A 55 27.54 -10.12 18.05
CA THR A 55 27.78 -11.52 18.31
C THR A 55 27.00 -12.39 17.33
N VAL A 56 27.02 -13.71 17.56
CA VAL A 56 26.31 -14.65 16.69
C VAL A 56 24.88 -14.89 17.13
N GLY A 57 24.47 -14.34 18.27
CA GLY A 57 23.14 -14.59 18.80
C GLY A 57 22.00 -14.24 17.87
N THR A 58 21.08 -15.18 17.70
CA THR A 58 19.86 -14.96 16.93
C THR A 58 18.67 -15.44 17.74
N ASN A 59 17.54 -14.77 17.56
CA ASN A 59 16.29 -15.17 18.19
C ASN A 59 15.20 -15.19 17.14
N TYR A 60 14.33 -16.19 17.20
CA TYR A 60 13.30 -16.40 16.20
C TYR A 60 11.93 -16.44 16.85
N ASN A 61 10.91 -16.24 16.03
CA ASN A 61 9.55 -16.49 16.46
C ASN A 61 9.38 -17.99 16.64
N PRO A 62 8.89 -18.46 17.79
CA PRO A 62 8.71 -19.91 17.98
C PRO A 62 7.81 -20.54 16.94
N SER A 63 6.78 -19.83 16.48
CA SER A 63 5.89 -20.34 15.45
C SER A 63 6.57 -20.50 14.10
N LEU A 64 7.74 -19.89 13.92
CA LEU A 64 8.46 -19.92 12.65
C LEU A 64 9.86 -20.50 12.78
N LYS A 65 10.18 -21.09 13.94
CA LYS A 65 11.57 -21.44 14.24
C LYS A 65 12.12 -22.47 13.26
N SER A 66 11.30 -23.45 12.86
CA SER A 66 11.79 -24.55 12.03
C SER A 66 11.95 -24.18 10.57
N ARG A 67 11.47 -23.01 10.13
CA ARG A 67 11.52 -22.64 8.72
C ARG A 67 12.33 -21.39 8.43
N VAL A 68 12.55 -20.52 9.39
CA VAL A 68 13.23 -19.25 9.13
C VAL A 68 14.69 -19.36 9.55
N THR A 69 15.52 -18.57 8.90
CA THR A 69 16.95 -18.49 9.23
C THR A 69 17.42 -17.07 8.94
N LEU A 70 17.99 -16.42 9.95
CA LEU A 70 18.55 -15.08 9.81
C LEU A 70 20.07 -15.17 9.82
N SER A 71 20.71 -14.41 8.94
CA SER A 71 22.16 -14.40 8.85
C SER A 71 22.62 -12.98 8.58
N LYS A 72 23.93 -12.75 8.66
CA LYS A 72 24.49 -11.43 8.41
C LYS A 72 25.83 -11.55 7.72
N ASP A 73 26.12 -10.58 6.86
CA ASP A 73 27.40 -10.45 6.17
C ASP A 73 27.95 -9.08 6.56
N THR A 74 28.97 -9.09 7.43
CA THR A 74 29.52 -7.83 7.92
C THR A 74 30.40 -7.16 6.86
N SER A 75 31.06 -7.94 6.01
CA SER A 75 31.91 -7.35 4.98
C SER A 75 31.09 -6.48 4.02
N LYS A 76 29.89 -6.96 3.64
CA LYS A 76 28.98 -6.18 2.80
C LYS A 76 28.02 -5.33 3.61
N ASN A 77 28.11 -5.38 4.94
CA ASN A 77 27.30 -4.55 5.84
C ASN A 77 25.81 -4.76 5.60
N GLN A 78 25.40 -6.02 5.61
CA GLN A 78 24.01 -6.36 5.34
C GLN A 78 23.61 -7.58 6.17
N PHE A 79 22.31 -7.85 6.21
CA PHE A 79 21.81 -9.08 6.80
C PHE A 79 20.71 -9.64 5.91
N SER A 80 20.26 -10.85 6.24
CA SER A 80 19.40 -11.59 5.32
C SER A 80 18.47 -12.51 6.10
N LEU A 81 17.33 -12.78 5.48
CA LEU A 81 16.32 -13.71 5.97
C LEU A 81 16.05 -14.76 4.90
N LYS A 82 15.87 -16.01 5.32
CA LYS A 82 15.45 -17.04 4.39
C LYS A 82 14.38 -17.91 5.05
N VAL A 83 13.30 -18.15 4.32
CA VAL A 83 12.14 -18.89 4.80
C VAL A 83 11.94 -20.07 3.86
N SER A 84 12.10 -21.29 4.36
CA SER A 84 11.95 -22.48 3.56
C SER A 84 10.51 -22.99 3.63
N SER A 85 10.18 -23.90 2.71
CA SER A 85 8.86 -24.52 2.65
C SER A 85 7.76 -23.46 2.66
N VAL A 86 7.88 -22.50 1.74
CA VAL A 86 6.99 -21.35 1.73
C VAL A 86 5.62 -21.76 1.23
N THR A 87 4.58 -21.18 1.83
CA THR A 87 3.19 -21.39 1.42
C THR A 87 2.51 -20.04 1.28
N ALA A 88 1.22 -20.08 0.91
CA ALA A 88 0.46 -18.85 0.73
C ALA A 88 0.35 -18.03 2.00
N ALA A 89 0.50 -18.67 3.17
CA ALA A 89 0.44 -17.92 4.42
C ALA A 89 1.66 -17.05 4.64
N ASP A 90 2.70 -17.17 3.81
CA ASP A 90 3.89 -16.36 3.94
C ASP A 90 3.89 -15.15 3.01
N THR A 91 2.84 -15.00 2.19
CA THR A 91 2.68 -13.81 1.37
C THR A 91 2.47 -12.60 2.28
N ALA A 92 3.35 -11.61 2.18
CA ALA A 92 3.27 -10.45 3.07
C ALA A 92 4.24 -9.38 2.59
N VAL A 93 4.12 -8.20 3.20
CA VAL A 93 5.12 -7.15 3.05
C VAL A 93 6.18 -7.38 4.13
N TYR A 94 7.43 -7.50 3.71
CA TYR A 94 8.54 -7.78 4.62
C TYR A 94 9.35 -6.51 4.84
N TYR A 95 9.50 -6.12 6.10
CA TYR A 95 10.35 -5.02 6.51
C TYR A 95 11.55 -5.55 7.27
N CYS A 96 12.67 -4.85 7.14
CA CYS A 96 13.77 -4.99 8.07
C CYS A 96 13.81 -3.77 8.97
N ALA A 97 14.14 -3.99 10.24
CA ALA A 97 14.13 -2.92 11.22
C ALA A 97 15.37 -3.00 12.10
N ARG A 98 15.66 -1.89 12.77
CA ARG A 98 16.78 -1.78 13.69
C ARG A 98 16.25 -1.66 15.12
N LYS A 99 17.04 -2.17 16.07
CA LYS A 99 16.70 -2.16 17.48
C LYS A 99 17.98 -1.88 18.25
N PRO A 100 17.92 -1.11 19.33
CA PRO A 100 19.13 -0.87 20.12
C PRO A 100 19.73 -2.15 20.66
N LEU A 101 21.03 -2.09 20.95
CA LEU A 101 21.76 -3.27 21.40
C LEU A 101 21.22 -3.79 22.73
N ARG A 102 20.67 -2.91 23.55
CA ARG A 102 20.18 -3.28 24.87
C ARG A 102 18.99 -4.24 24.75
N ARG A 103 18.62 -4.84 25.89
CA ARG A 103 17.53 -5.80 25.93
C ARG A 103 16.18 -5.09 26.05
N TYR A 104 15.88 -4.27 25.04
CA TYR A 104 14.58 -3.66 24.86
C TYR A 104 14.23 -3.74 23.39
N PHE A 105 12.93 -3.82 23.11
CA PHE A 105 12.43 -4.34 21.84
C PHE A 105 11.55 -3.36 21.08
N TRP A 106 12.02 -2.12 21.00
CA TRP A 106 11.29 -1.09 20.21
C TRP A 106 12.00 -0.92 18.86
N PHE A 107 11.25 -0.81 17.78
CA PHE A 107 11.79 -0.64 16.43
C PHE A 107 11.58 0.80 15.99
N ASP A 108 12.68 1.52 15.80
CA ASP A 108 12.62 2.94 15.45
C ASP A 108 12.95 3.23 13.98
N VAL A 109 13.73 2.38 13.33
CA VAL A 109 14.09 2.55 11.93
C VAL A 109 13.58 1.33 11.15
N TRP A 110 12.84 1.58 10.09
CA TRP A 110 12.26 0.53 9.27
C TRP A 110 12.69 0.70 7.81
N GLY A 111 12.77 -0.42 7.10
CA GLY A 111 13.00 -0.38 5.68
C GLY A 111 11.72 -0.09 4.92
N PRO A 112 11.85 0.00 3.59
CA PRO A 112 10.66 0.28 2.77
C PRO A 112 9.64 -0.84 2.81
N GLY A 113 10.10 -2.09 2.83
CA GLY A 113 9.20 -3.23 2.83
C GLY A 113 8.94 -3.75 1.43
N VAL A 114 9.39 -4.97 1.15
CA VAL A 114 9.20 -5.59 -0.15
C VAL A 114 8.05 -6.58 -0.05
N LEU A 115 7.12 -6.53 -1.01
CA LEU A 115 6.02 -7.47 -1.03
C LEU A 115 6.49 -8.80 -1.60
N VAL A 116 6.13 -9.89 -0.93
CA VAL A 116 6.48 -11.24 -1.34
C VAL A 116 5.18 -12.01 -1.53
N THR A 117 4.97 -12.52 -2.73
CA THR A 117 3.77 -13.27 -3.09
C THR A 117 4.13 -14.72 -3.35
N VAL A 118 3.40 -15.64 -2.71
CA VAL A 118 3.61 -17.06 -2.87
C VAL A 118 2.47 -17.58 -3.74
N SER A 119 2.76 -17.82 -5.02
CA SER A 119 1.75 -18.31 -5.95
C SER A 119 2.43 -19.28 -6.92
N SER A 120 1.62 -20.15 -7.50
CA SER A 120 2.10 -21.11 -8.49
C SER A 120 2.11 -20.53 -9.90
N ALA A 121 1.58 -19.33 -10.10
CA ALA A 121 1.52 -18.71 -11.41
C ALA A 121 2.86 -18.07 -11.77
N SER A 122 3.05 -17.84 -13.07
CA SER A 122 4.30 -17.27 -13.56
C SER A 122 4.24 -15.75 -13.55
N THR A 123 5.43 -15.14 -13.51
CA THR A 123 5.54 -13.69 -13.54
C THR A 123 5.27 -13.18 -14.95
N LYS A 124 4.53 -12.06 -15.01
CA LYS A 124 4.18 -11.43 -16.31
C LYS A 124 4.50 -9.94 -16.25
N GLY A 125 5.36 -9.45 -17.14
CA GLY A 125 5.67 -8.05 -17.20
C GLY A 125 4.49 -7.24 -17.69
N PRO A 126 4.46 -5.96 -17.34
CA PRO A 126 3.31 -5.12 -17.69
C PRO A 126 3.36 -4.63 -19.13
N SER A 127 2.17 -4.45 -19.69
CA SER A 127 2.01 -3.75 -20.97
C SER A 127 1.56 -2.33 -20.66
N VAL A 128 2.30 -1.34 -21.13
CA VAL A 128 2.08 0.06 -20.75
C VAL A 128 1.58 0.83 -21.96
N PHE A 129 0.40 1.40 -21.84
CA PHE A 129 -0.23 2.16 -22.92
C PHE A 129 -0.47 3.59 -22.48
N PRO A 130 -0.07 4.59 -23.27
CA PRO A 130 -0.36 5.98 -22.90
C PRO A 130 -1.85 6.27 -23.05
N LEU A 131 -2.32 7.21 -22.23
CA LEU A 131 -3.71 7.67 -22.25
C LEU A 131 -3.69 9.15 -22.59
N ALA A 132 -4.12 9.47 -23.81
CA ALA A 132 -4.01 10.81 -24.36
C ALA A 132 -4.67 11.84 -23.44
N PRO A 133 -4.16 13.07 -23.42
CA PRO A 133 -4.70 14.07 -22.49
C PRO A 133 -6.17 14.35 -22.75
N SER A 134 -6.96 14.27 -21.69
CA SER A 134 -8.39 14.56 -21.72
C SER A 134 -8.67 15.70 -20.75
N SER A 135 -9.40 16.71 -21.21
CA SER A 135 -9.64 17.91 -20.42
C SER A 135 -11.10 18.07 -20.02
N ARG A 136 -11.98 17.15 -20.43
CA ARG A 136 -13.39 17.27 -20.07
C ARG A 136 -13.61 17.06 -18.58
N SER A 137 -12.82 16.18 -17.96
CA SER A 137 -13.00 15.86 -16.56
C SER A 137 -12.31 16.87 -15.65
N THR A 138 -11.18 17.42 -16.07
CA THR A 138 -10.41 18.33 -15.23
C THR A 138 -10.94 19.75 -15.33
N SER A 139 -10.69 20.54 -14.29
CA SER A 139 -11.24 21.88 -14.15
C SER A 139 -10.15 22.93 -14.14
N GLU A 140 -10.50 24.13 -14.61
CA GLU A 140 -9.62 25.31 -14.58
C GLU A 140 -8.38 25.12 -15.46
N SER A 141 -8.66 24.85 -16.74
CA SER A 141 -7.64 24.93 -17.80
C SER A 141 -6.47 23.96 -17.57
N THR A 142 -6.81 22.72 -17.26
CA THR A 142 -5.79 21.68 -17.12
C THR A 142 -6.30 20.39 -17.74
N ALA A 143 -5.36 19.54 -18.14
CA ALA A 143 -5.66 18.25 -18.75
C ALA A 143 -5.11 17.13 -17.86
N ALA A 144 -5.48 15.91 -18.21
CA ALA A 144 -5.07 14.72 -17.47
C ALA A 144 -4.42 13.75 -18.43
N LEU A 145 -3.11 13.54 -18.27
CA LEU A 145 -2.39 12.51 -18.99
C LEU A 145 -2.42 11.22 -18.20
N GLY A 146 -2.44 10.09 -18.90
CA GLY A 146 -2.52 8.82 -18.22
C GLY A 146 -1.51 7.80 -18.74
N CYS A 147 -1.28 6.78 -17.92
CA CYS A 147 -0.56 5.59 -18.34
C CYS A 147 -1.25 4.39 -17.74
N LEU A 148 -1.62 3.44 -18.60
CA LEU A 148 -2.32 2.23 -18.20
C LEU A 148 -1.35 1.07 -18.18
N VAL A 149 -1.31 0.36 -17.05
CA VAL A 149 -0.40 -0.75 -16.82
C VAL A 149 -1.25 -2.02 -16.77
N LYS A 150 -1.19 -2.82 -17.83
CA LYS A 150 -2.07 -3.96 -18.02
C LYS A 150 -1.35 -5.28 -17.86
N ASP A 151 -2.01 -6.21 -17.18
CA ASP A 151 -1.71 -7.64 -17.20
C ASP A 151 -0.28 -7.92 -16.71
N TYR A 152 -0.10 -7.77 -15.39
CA TYR A 152 1.19 -8.12 -14.72
C TYR A 152 0.86 -8.99 -13.50
N PHE A 153 1.35 -10.24 -13.43
CA PHE A 153 0.93 -11.18 -12.36
C PHE A 153 1.26 -10.80 -10.89
N PRO A 154 2.45 -10.30 -10.50
CA PRO A 154 2.73 -10.01 -9.08
C PRO A 154 2.07 -8.66 -8.80
N GLU A 155 1.98 -8.23 -7.53
CA GLU A 155 1.31 -6.93 -7.47
C GLU A 155 2.20 -5.69 -7.58
N PRO A 156 3.35 -5.57 -6.92
CA PRO A 156 3.99 -4.25 -6.84
C PRO A 156 4.45 -3.76 -8.20
N VAL A 157 3.84 -2.66 -8.66
CA VAL A 157 4.30 -1.88 -9.80
C VAL A 157 4.43 -0.45 -9.35
N THR A 158 5.58 0.16 -9.59
CA THR A 158 5.79 1.57 -9.27
C THR A 158 5.73 2.40 -10.54
N VAL A 159 5.11 3.58 -10.43
CA VAL A 159 4.98 4.51 -11.55
C VAL A 159 5.44 5.88 -11.08
N SER A 160 6.32 6.50 -11.87
CA SER A 160 6.73 7.88 -11.66
C SER A 160 6.58 8.63 -12.98
N TRP A 161 6.77 9.94 -12.95
CA TRP A 161 6.61 10.76 -14.14
C TRP A 161 7.83 11.66 -14.31
N ASN A 162 8.30 11.76 -15.56
CA ASN A 162 9.46 12.57 -15.91
C ASN A 162 10.66 12.23 -15.03
N SER A 163 10.87 10.94 -14.81
CA SER A 163 11.99 10.43 -14.01
C SER A 163 11.96 11.01 -12.59
N GLY A 164 10.76 11.09 -12.02
CA GLY A 164 10.59 11.62 -10.69
C GLY A 164 10.58 13.14 -10.59
N ALA A 165 10.79 13.85 -11.70
CA ALA A 165 10.78 15.31 -11.65
C ALA A 165 9.37 15.84 -11.44
N LEU A 166 8.38 15.22 -12.06
CA LEU A 166 6.99 15.64 -11.92
C LEU A 166 6.33 14.84 -10.81
N THR A 167 5.89 15.54 -9.77
CA THR A 167 5.30 14.92 -8.60
C THR A 167 3.91 15.46 -8.27
N SER A 168 3.68 16.75 -8.49
CA SER A 168 2.38 17.32 -8.16
C SER A 168 1.33 16.89 -9.19
N GLY A 169 0.12 16.62 -8.71
CA GLY A 169 -0.96 16.17 -9.56
C GLY A 169 -0.93 14.72 -9.95
N VAL A 170 0.05 13.95 -9.47
CA VAL A 170 0.16 12.54 -9.80
C VAL A 170 -0.73 11.73 -8.87
N HIS A 171 -1.56 10.87 -9.46
CA HIS A 171 -2.41 9.96 -8.69
C HIS A 171 -2.32 8.59 -9.33
N THR A 172 -1.79 7.62 -8.58
CA THR A 172 -1.71 6.24 -9.03
C THR A 172 -2.80 5.45 -8.32
N PHE A 173 -3.77 4.96 -9.08
CA PHE A 173 -4.93 4.27 -8.52
C PHE A 173 -4.56 2.86 -8.08
N PRO A 174 -5.31 2.29 -7.13
CA PRO A 174 -5.08 0.89 -6.76
C PRO A 174 -5.34 -0.04 -7.93
N ALA A 175 -4.59 -1.13 -7.96
CA ALA A 175 -4.67 -2.06 -9.08
C ALA A 175 -5.97 -2.84 -9.05
N VAL A 176 -6.34 -3.37 -10.22
CA VAL A 176 -7.51 -4.23 -10.35
C VAL A 176 -7.02 -5.65 -10.58
N LEU A 177 -7.82 -6.60 -10.11
CA LEU A 177 -7.51 -8.03 -10.27
C LEU A 177 -8.40 -8.56 -11.41
N GLN A 178 -7.78 -8.78 -12.57
CA GLN A 178 -8.50 -9.33 -13.70
C GLN A 178 -8.96 -10.76 -13.40
N SER A 179 -9.95 -11.22 -14.17
CA SER A 179 -10.43 -12.59 -14.00
C SER A 179 -9.39 -13.63 -14.37
N SER A 180 -8.31 -13.23 -15.04
CA SER A 180 -7.21 -14.12 -15.39
C SER A 180 -6.14 -14.18 -14.31
N GLY A 181 -6.35 -13.52 -13.17
CA GLY A 181 -5.35 -13.47 -12.13
C GLY A 181 -4.29 -12.39 -12.30
N LEU A 182 -4.30 -11.67 -13.40
CA LEU A 182 -3.32 -10.62 -13.64
C LEU A 182 -3.84 -9.29 -13.09
N TYR A 183 -2.91 -8.37 -12.87
CA TYR A 183 -3.21 -7.06 -12.29
C TYR A 183 -3.08 -5.97 -13.34
N SER A 184 -3.81 -4.88 -13.12
CA SER A 184 -3.75 -3.70 -13.98
C SER A 184 -4.08 -2.48 -13.14
N LEU A 185 -3.38 -1.37 -13.41
CA LEU A 185 -3.68 -0.11 -12.74
C LEU A 185 -3.54 1.02 -13.76
N SER A 186 -3.81 2.23 -13.30
CA SER A 186 -3.63 3.43 -14.11
C SER A 186 -3.00 4.51 -13.25
N SER A 187 -2.08 5.26 -13.84
CA SER A 187 -1.49 6.43 -13.20
C SER A 187 -1.85 7.65 -14.01
N VAL A 188 -2.54 8.60 -13.39
CA VAL A 188 -2.97 9.82 -14.06
C VAL A 188 -2.20 10.99 -13.45
N VAL A 189 -2.12 12.06 -14.22
CA VAL A 189 -1.41 13.26 -13.77
C VAL A 189 -2.09 14.48 -14.40
N THR A 190 -2.40 15.47 -13.57
CA THR A 190 -3.03 16.70 -14.03
C THR A 190 -1.95 17.74 -14.34
N VAL A 191 -1.95 18.25 -15.57
CA VAL A 191 -0.94 19.19 -16.03
C VAL A 191 -1.64 20.40 -16.63
N PRO A 192 -0.98 21.55 -16.65
CA PRO A 192 -1.58 22.73 -17.29
C PRO A 192 -1.89 22.47 -18.76
N SER A 193 -3.11 22.80 -19.16
CA SER A 193 -3.55 22.53 -20.53
C SER A 193 -2.71 23.29 -21.55
N SER A 194 -2.33 24.53 -21.22
CA SER A 194 -1.53 25.36 -22.12
C SER A 194 -0.07 24.91 -22.20
N SER A 195 0.27 23.78 -21.60
CA SER A 195 1.65 23.28 -21.62
C SER A 195 1.76 21.91 -22.28
N LEU A 196 0.71 21.44 -22.96
CA LEU A 196 0.74 20.12 -23.56
C LEU A 196 1.72 20.05 -24.72
N GLY A 197 1.69 21.06 -25.60
CA GLY A 197 2.53 21.03 -26.78
C GLY A 197 3.99 21.37 -26.52
N THR A 198 4.28 22.10 -25.45
CA THR A 198 5.65 22.53 -25.18
C THR A 198 6.38 21.64 -24.18
N GLN A 199 5.66 20.88 -23.36
CA GLN A 199 6.27 20.04 -22.33
C GLN A 199 6.13 18.57 -22.72
N THR A 200 7.24 17.83 -22.64
CA THR A 200 7.23 16.41 -22.88
C THR A 200 6.95 15.66 -21.59
N TYR A 201 6.16 14.59 -21.69
CA TYR A 201 5.74 13.81 -20.53
C TYR A 201 6.01 12.33 -20.76
N ILE A 202 6.74 11.73 -19.84
CA ILE A 202 7.09 10.31 -19.91
C ILE A 202 6.72 9.68 -18.57
N CYS A 203 5.97 8.58 -18.63
CA CYS A 203 5.66 7.79 -17.44
C CYS A 203 6.63 6.62 -17.35
N ASN A 204 7.26 6.48 -16.20
CA ASN A 204 8.23 5.43 -15.92
C ASN A 204 7.55 4.36 -15.10
N VAL A 205 7.50 3.14 -15.62
CA VAL A 205 6.89 2.00 -14.95
C VAL A 205 8.00 1.01 -14.61
N ASN A 206 8.07 0.63 -13.34
CA ASN A 206 9.04 -0.34 -12.86
C ASN A 206 8.28 -1.50 -12.22
N HIS A 207 8.48 -2.70 -12.76
CA HIS A 207 7.92 -3.94 -12.22
C HIS A 207 9.12 -4.80 -11.86
N LYS A 208 9.56 -4.68 -10.60
CA LYS A 208 10.76 -5.39 -10.16
C LYS A 208 10.65 -6.91 -10.20
N PRO A 209 9.51 -7.54 -9.88
CA PRO A 209 9.46 -9.01 -9.96
C PRO A 209 9.78 -9.57 -11.33
N SER A 210 9.34 -8.90 -12.41
CA SER A 210 9.73 -9.30 -13.75
C SER A 210 10.96 -8.56 -14.24
N ASN A 211 11.57 -7.72 -13.39
CA ASN A 211 12.76 -6.96 -13.76
C ASN A 211 12.51 -6.12 -15.01
N THR A 212 11.29 -5.62 -15.15
CA THR A 212 10.91 -4.85 -16.33
C THR A 212 10.86 -3.37 -15.99
N LYS A 213 11.40 -2.55 -16.89
CA LYS A 213 11.46 -1.11 -16.71
C LYS A 213 11.09 -0.47 -18.04
N VAL A 214 9.94 0.18 -18.10
CA VAL A 214 9.50 0.85 -19.32
C VAL A 214 9.38 2.34 -19.08
N ASP A 215 9.50 3.11 -20.15
CA ASP A 215 9.38 4.57 -20.11
C ASP A 215 8.59 4.99 -21.34
N LYS A 216 7.29 5.20 -21.15
CA LYS A 216 6.39 5.50 -22.26
C LYS A 216 6.12 6.99 -22.31
N ARG A 217 6.38 7.62 -23.46
CA ARG A 217 6.05 9.02 -23.64
C ARG A 217 4.59 9.17 -24.00
N VAL A 218 3.91 10.11 -23.34
CA VAL A 218 2.48 10.35 -23.55
C VAL A 218 2.39 11.57 -24.46
N GLU A 219 2.31 11.30 -25.77
CA GLU A 219 2.19 12.37 -26.76
C GLU A 219 0.72 12.60 -27.10
N ILE A 220 0.42 13.79 -27.59
CA ILE A 220 -0.95 14.22 -27.82
C ILE A 220 -1.50 13.49 -29.05
N LYS A 221 -2.46 12.59 -28.82
CA LYS A 221 -3.09 11.89 -29.94
C LYS A 221 -4.04 12.81 -30.70
N THR A 222 -4.94 13.48 -29.98
CA THR A 222 -5.94 14.36 -30.58
C THR A 222 -5.67 15.79 -30.13
N CYS A 223 -5.54 16.70 -31.10
CA CYS A 223 -5.30 18.13 -30.88
C CYS A 223 -4.37 18.42 -29.71
N GLN B 1 -3.84 -15.86 28.17
CA GLN B 1 -2.48 -15.40 28.43
C GLN B 1 -1.68 -15.36 27.13
N SER B 2 -0.66 -14.50 27.09
CA SER B 2 0.29 -14.41 25.98
C SER B 2 -0.40 -13.96 24.69
N VAL B 3 -1.05 -12.79 24.78
CA VAL B 3 -1.71 -12.19 23.62
C VAL B 3 -1.92 -10.71 23.93
N LEU B 4 -1.96 -9.90 22.88
CA LEU B 4 -2.26 -8.48 22.98
C LEU B 4 -3.55 -8.22 22.22
N THR B 5 -4.61 -7.89 22.93
CA THR B 5 -5.94 -7.72 22.33
C THR B 5 -6.27 -6.24 22.20
N GLN B 6 -6.62 -5.83 20.98
CA GLN B 6 -7.01 -4.46 20.68
C GLN B 6 -8.42 -4.42 20.12
N PRO B 7 -9.14 -3.33 20.32
CA PRO B 7 -10.41 -3.13 19.61
C PRO B 7 -10.16 -3.02 18.12
N PRO B 8 -11.00 -3.64 17.28
CA PRO B 8 -10.79 -3.53 15.83
C PRO B 8 -10.90 -2.11 15.31
N SER B 9 -11.76 -1.29 15.91
CA SER B 9 -11.93 0.09 15.47
C SER B 9 -12.44 0.92 16.63
N VAL B 10 -12.05 2.20 16.64
CA VAL B 10 -12.58 3.18 17.57
C VAL B 10 -12.94 4.43 16.79
N SER B 11 -13.94 5.15 17.27
CA SER B 11 -14.44 6.33 16.60
C SER B 11 -14.57 7.49 17.59
N GLY B 12 -14.43 8.71 17.07
CA GLY B 12 -14.54 9.89 17.90
C GLY B 12 -14.77 11.13 17.07
N ASP B 13 -15.28 12.16 17.74
CA ASP B 13 -15.52 13.45 17.11
C ASP B 13 -14.21 14.22 16.95
N PRO B 14 -14.14 15.12 15.96
CA PRO B 14 -12.92 15.93 15.80
C PRO B 14 -12.74 16.90 16.96
N GLY B 15 -11.49 17.02 17.42
CA GLY B 15 -11.16 17.90 18.51
C GLY B 15 -11.41 17.35 19.89
N GLN B 16 -11.87 16.11 20.02
CA GLN B 16 -12.18 15.50 21.30
C GLN B 16 -11.18 14.39 21.60
N ARG B 17 -11.35 13.75 22.75
CA ARG B 17 -10.44 12.74 23.25
C ARG B 17 -10.92 11.35 22.87
N VAL B 18 -9.97 10.48 22.48
CA VAL B 18 -10.27 9.08 22.20
C VAL B 18 -9.16 8.23 22.80
N THR B 19 -9.52 6.99 23.18
CA THR B 19 -8.57 6.07 23.80
C THR B 19 -8.65 4.71 23.12
N ILE B 20 -7.48 4.12 22.89
CA ILE B 20 -7.36 2.78 22.34
C ILE B 20 -6.75 1.89 23.41
N SER B 21 -7.41 0.76 23.70
CA SER B 21 -6.94 -0.14 24.72
C SER B 21 -6.05 -1.24 24.13
N CYS B 22 -5.22 -1.81 24.99
CA CYS B 22 -4.35 -2.93 24.63
C CYS B 22 -4.32 -3.86 25.84
N THR B 23 -5.00 -5.01 25.72
CA THR B 23 -5.13 -5.95 26.82
C THR B 23 -4.09 -7.05 26.70
N GLY B 24 -3.24 -7.16 27.71
CA GLY B 24 -2.20 -8.18 27.77
C GLY B 24 -2.55 -9.27 28.75
N SER B 25 -1.54 -9.74 29.48
CA SER B 25 -1.71 -10.78 30.48
C SER B 25 -0.55 -10.71 31.46
N SER B 26 -0.43 -11.73 32.30
CA SER B 26 0.65 -11.79 33.28
C SER B 26 2.00 -12.15 32.66
N SER B 27 2.02 -12.66 31.43
CA SER B 27 3.28 -13.08 30.85
C SER B 27 3.99 -11.92 30.15
N ASN B 28 3.23 -11.03 29.50
CA ASN B 28 3.80 -9.94 28.72
C ASN B 28 3.89 -8.64 29.51
N ILE B 29 2.76 -8.08 29.93
CA ILE B 29 2.78 -6.77 30.59
C ILE B 29 2.35 -6.81 32.04
N GLY B 30 1.65 -7.88 32.45
CA GLY B 30 1.45 -8.08 33.89
C GLY B 30 2.86 -8.37 34.34
N ALA B 31 3.67 -8.88 33.41
CA ALA B 31 5.12 -9.10 33.63
C ALA B 31 5.74 -7.72 33.85
N GLY B 32 5.18 -6.69 33.20
CA GLY B 32 5.80 -5.35 33.24
C GLY B 32 6.67 -5.08 32.03
N TYR B 33 6.66 -5.98 31.03
CA TYR B 33 7.37 -5.66 29.78
C TYR B 33 6.66 -4.43 29.20
N TYR B 34 7.40 -3.47 28.65
CA TYR B 34 6.77 -2.19 28.22
C TYR B 34 5.81 -2.35 27.04
N VAL B 35 4.74 -1.56 27.02
CA VAL B 35 3.86 -1.51 25.86
C VAL B 35 4.38 -0.42 24.91
N TYR B 36 4.44 -0.75 23.63
CA TYR B 36 4.90 0.18 22.60
C TYR B 36 3.78 0.38 21.60
N TRP B 37 3.60 1.63 21.15
CA TRP B 37 2.51 1.99 20.27
C TRP B 37 3.07 2.48 18.94
N TYR B 38 2.66 1.81 17.86
CA TYR B 38 3.06 2.14 16.50
C TYR B 38 1.86 2.66 15.72
N GLN B 39 2.13 3.61 14.82
CA GLN B 39 1.13 4.19 13.94
C GLN B 39 1.51 3.89 12.50
N GLN B 40 0.52 3.46 11.71
CA GLN B 40 0.77 3.10 10.31
C GLN B 40 -0.32 3.66 9.44
N PHE B 41 0.09 4.34 8.37
CA PHE B 41 -0.78 4.83 7.32
C PHE B 41 -0.80 3.85 6.15
N PRO B 42 -1.83 3.88 5.31
CA PRO B 42 -1.86 2.97 4.16
C PRO B 42 -0.65 3.15 3.26
N GLY B 43 0.06 2.05 3.02
CA GLY B 43 1.23 2.09 2.15
C GLY B 43 2.48 2.68 2.77
N THR B 44 2.63 2.57 4.10
CA THR B 44 3.79 3.12 4.79
C THR B 44 4.22 2.15 5.89
N ALA B 45 5.50 2.19 6.22
CA ALA B 45 6.01 1.38 7.30
C ALA B 45 5.49 1.88 8.65
N PRO B 46 5.33 0.99 9.63
CA PRO B 46 4.83 1.42 10.95
C PRO B 46 5.77 2.45 11.57
N LYS B 47 5.17 3.54 12.05
CA LYS B 47 5.92 4.61 12.71
C LYS B 47 5.76 4.49 14.22
N LEU B 48 6.86 4.62 14.94
CA LEU B 48 6.87 4.44 16.38
C LEU B 48 6.36 5.69 17.08
N LEU B 49 5.28 5.56 17.83
CA LEU B 49 4.63 6.68 18.52
C LEU B 49 4.95 6.71 20.01
N ILE B 50 4.87 5.57 20.69
CA ILE B 50 5.04 5.52 22.14
C ILE B 50 5.94 4.33 22.48
N TYR B 51 6.85 4.53 23.43
CA TYR B 51 7.65 3.45 23.96
C TYR B 51 7.73 3.59 25.48
N GLN B 52 7.96 2.47 26.16
CA GLN B 52 8.06 2.43 27.62
C GLN B 52 6.79 2.97 28.29
N ASP B 53 5.66 2.74 27.62
CA ASP B 53 4.28 2.98 28.08
C ASP B 53 3.87 4.44 28.16
N ASN B 54 4.81 5.38 28.16
CA ASN B 54 4.41 6.78 28.07
C ASN B 54 5.41 7.67 27.36
N LYS B 55 6.52 7.14 26.84
CA LYS B 55 7.60 7.97 26.33
C LYS B 55 7.43 8.20 24.84
N ARG B 56 7.62 9.45 24.41
CA ARG B 56 7.49 9.81 23.01
C ARG B 56 8.87 10.07 22.43
N PRO B 57 9.18 9.54 21.25
CA PRO B 57 10.43 9.92 20.59
C PRO B 57 10.40 11.36 20.14
N SER B 58 11.54 11.82 19.66
CA SER B 58 11.62 13.16 19.10
C SER B 58 10.89 13.22 17.77
N GLY B 59 10.02 14.20 17.60
CA GLY B 59 9.20 14.31 16.41
C GLY B 59 7.83 13.70 16.52
N VAL B 60 7.33 13.44 17.73
CA VAL B 60 5.98 12.94 17.95
C VAL B 60 5.21 13.98 18.74
N SER B 61 4.03 14.35 18.24
CA SER B 61 3.23 15.39 18.87
C SER B 61 2.78 14.96 20.26
N ASP B 62 2.60 15.94 21.14
CA ASP B 62 2.18 15.68 22.51
C ASP B 62 0.71 15.29 22.62
N ARG B 63 -0.05 15.30 21.52
CA ARG B 63 -1.44 14.86 21.58
CA ARG B 63 -1.44 14.86 21.55
C ARG B 63 -1.57 13.35 21.72
N PHE B 64 -0.49 12.60 21.56
CA PHE B 64 -0.48 11.15 21.76
C PHE B 64 0.20 10.84 23.10
N SER B 65 -0.56 10.25 24.01
CA SER B 65 -0.03 9.87 25.32
C SER B 65 -0.27 8.39 25.54
N GLY B 66 0.54 7.82 26.43
CA GLY B 66 0.39 6.42 26.79
C GLY B 66 0.22 6.26 28.30
N SER B 67 -0.50 5.22 28.69
CA SER B 67 -0.65 4.88 30.09
C SER B 67 -0.70 3.37 30.23
N LYS B 68 -0.30 2.88 31.40
CA LYS B 68 -0.26 1.45 31.67
C LYS B 68 -0.79 1.20 33.07
N SER B 69 -1.65 0.19 33.21
CA SER B 69 -2.20 -0.18 34.51
C SER B 69 -2.51 -1.68 34.51
N GLY B 70 -1.86 -2.41 35.41
CA GLY B 70 -2.09 -3.83 35.51
C GLY B 70 -1.73 -4.53 34.21
N THR B 71 -2.72 -5.19 33.62
CA THR B 71 -2.54 -5.91 32.37
C THR B 71 -3.10 -5.16 31.17
N SER B 72 -3.39 -3.87 31.30
CA SER B 72 -3.98 -3.11 30.21
C SER B 72 -3.25 -1.78 30.02
N ALA B 73 -2.92 -1.48 28.77
CA ALA B 73 -2.35 -0.19 28.40
C ALA B 73 -3.35 0.58 27.55
N SER B 74 -3.10 1.88 27.41
CA SER B 74 -4.02 2.74 26.67
C SER B 74 -3.23 3.83 25.96
N LEU B 75 -3.55 4.02 24.69
CA LEU B 75 -3.05 5.12 23.89
C LEU B 75 -4.16 6.16 23.77
N THR B 76 -3.92 7.35 24.29
CA THR B 76 -4.89 8.43 24.28
C THR B 76 -4.49 9.48 23.26
N ILE B 77 -5.46 9.90 22.43
CA ILE B 77 -5.27 10.96 21.45
C ILE B 77 -6.27 12.07 21.79
N THR B 78 -5.76 13.27 22.04
CA THR B 78 -6.59 14.43 22.33
C THR B 78 -6.57 15.37 21.14
N GLY B 79 -7.65 16.16 21.01
CA GLY B 79 -7.81 17.06 19.90
C GLY B 79 -7.73 16.35 18.57
N LEU B 80 -8.64 15.38 18.36
CA LEU B 80 -8.61 14.55 17.17
C LEU B 80 -8.69 15.41 15.90
N GLN B 81 -7.73 15.20 15.01
CA GLN B 81 -7.71 15.81 13.69
C GLN B 81 -7.98 14.75 12.63
N PRO B 82 -8.47 15.16 11.45
CA PRO B 82 -8.63 14.18 10.37
C PRO B 82 -7.36 13.45 10.01
N GLY B 83 -6.20 14.07 10.23
CA GLY B 83 -4.93 13.42 9.94
C GLY B 83 -4.58 12.28 10.87
N ASP B 84 -5.34 12.07 11.95
CA ASP B 84 -5.08 10.99 12.89
C ASP B 84 -5.66 9.66 12.44
N GLU B 85 -6.38 9.63 11.30
CA GLU B 85 -6.95 8.38 10.80
C GLU B 85 -5.83 7.48 10.29
N ALA B 86 -5.64 6.35 10.96
CA ALA B 86 -4.58 5.40 10.63
C ALA B 86 -4.86 4.11 11.39
N ASP B 87 -3.93 3.17 11.34
CA ASP B 87 -3.99 1.94 12.11
C ASP B 87 -2.98 2.04 13.25
N TYR B 88 -3.42 1.66 14.45
CA TYR B 88 -2.58 1.74 15.65
C TYR B 88 -2.36 0.35 16.21
N TYR B 89 -1.11 0.00 16.47
CA TYR B 89 -0.75 -1.31 17.00
C TYR B 89 -0.02 -1.15 18.33
N CYS B 90 -0.20 -2.14 19.20
CA CYS B 90 0.59 -2.23 20.42
C CYS B 90 1.46 -3.48 20.36
N SER B 91 2.70 -3.34 20.84
CA SER B 91 3.69 -4.40 20.81
C SER B 91 4.32 -4.53 22.19
N ALA B 92 4.71 -5.75 22.51
CA ALA B 92 5.29 -6.03 23.82
C ALA B 92 6.08 -7.34 23.76
N TRP B 93 7.05 -7.46 24.67
CA TRP B 93 7.81 -8.69 24.80
C TRP B 93 7.01 -9.71 25.61
N ASP B 94 7.19 -10.98 25.27
CA ASP B 94 6.50 -12.07 25.95
C ASP B 94 7.56 -13.08 26.40
N SER B 95 7.63 -13.31 27.72
CA SER B 95 8.61 -14.24 28.26
C SER B 95 8.18 -15.69 28.10
N SER B 96 6.88 -15.96 28.14
CA SER B 96 6.40 -17.32 27.95
C SER B 96 6.81 -17.86 26.59
N LEU B 97 6.58 -17.09 25.54
CA LEU B 97 7.05 -17.45 24.21
C LEU B 97 8.44 -16.92 23.91
N SER B 98 8.94 -15.98 24.71
CA SER B 98 10.20 -15.28 24.44
C SER B 98 10.19 -14.70 23.04
N ALA B 99 9.23 -13.80 22.81
CA ALA B 99 9.00 -13.28 21.47
C ALA B 99 8.37 -11.90 21.52
N VAL B 100 8.62 -11.10 20.50
CA VAL B 100 7.96 -9.82 20.35
C VAL B 100 6.59 -10.06 19.72
N MET B 101 5.54 -9.58 20.39
CA MET B 101 4.18 -9.74 19.92
C MET B 101 3.59 -8.38 19.56
N PHE B 102 2.75 -8.37 18.53
CA PHE B 102 1.99 -7.20 18.12
C PHE B 102 0.51 -7.45 18.31
N GLY B 103 -0.25 -6.37 18.48
CA GLY B 103 -1.69 -6.47 18.46
C GLY B 103 -2.23 -6.51 17.04
N ARG B 104 -3.44 -7.04 16.89
CA ARG B 104 -4.03 -7.20 15.57
C ARG B 104 -4.41 -5.86 14.94
N GLY B 105 -4.48 -4.79 15.71
CA GLY B 105 -4.70 -3.48 15.15
C GLY B 105 -5.98 -2.79 15.56
N THR B 106 -5.95 -1.46 15.58
CA THR B 106 -7.13 -0.64 15.82
C THR B 106 -7.20 0.41 14.71
N ARG B 107 -8.33 0.45 14.03
CA ARG B 107 -8.57 1.41 12.95
CA ARG B 107 -8.57 1.40 12.95
C ARG B 107 -9.30 2.61 13.51
N LEU B 108 -8.63 3.77 13.54
CA LEU B 108 -9.20 4.99 14.07
C LEU B 108 -9.91 5.78 12.99
N THR B 109 -11.06 6.34 13.33
CA THR B 109 -11.89 7.09 12.39
C THR B 109 -12.48 8.31 13.09
N VAL B 110 -12.43 9.47 12.42
CA VAL B 110 -13.11 10.67 12.89
C VAL B 110 -14.47 10.74 12.22
N LEU B 111 -15.45 11.30 12.95
CA LEU B 111 -16.84 11.29 12.52
C LEU B 111 -17.26 12.54 11.77
N GLY B 112 -16.40 13.56 11.69
CA GLY B 112 -16.81 14.82 11.11
C GLY B 112 -16.39 15.04 9.67
N GLN B 113 -16.33 13.97 8.88
CA GLN B 113 -15.90 14.09 7.49
C GLN B 113 -17.12 14.22 6.59
N PRO B 114 -17.26 15.32 5.85
CA PRO B 114 -18.48 15.53 5.06
C PRO B 114 -18.49 14.72 3.77
N LYS B 115 -19.67 14.61 3.18
CA LYS B 115 -19.85 13.87 1.95
C LYS B 115 -19.13 14.56 0.80
N ALA B 116 -18.62 13.75 -0.14
CA ALA B 116 -17.89 14.27 -1.28
C ALA B 116 -18.33 13.56 -2.54
N ALA B 117 -18.68 14.34 -3.57
CA ALA B 117 -19.09 13.77 -4.84
C ALA B 117 -17.86 13.28 -5.60
N PRO B 118 -17.96 12.16 -6.32
CA PRO B 118 -16.80 11.61 -7.03
C PRO B 118 -16.54 12.33 -8.34
N SER B 119 -15.26 12.50 -8.66
CA SER B 119 -14.82 12.98 -9.96
C SER B 119 -14.48 11.77 -10.84
N VAL B 120 -14.93 11.81 -12.08
CA VAL B 120 -14.86 10.68 -13.00
C VAL B 120 -14.10 11.09 -14.25
N THR B 121 -13.17 10.22 -14.68
CA THR B 121 -12.38 10.44 -15.88
C THR B 121 -12.42 9.18 -16.73
N LEU B 122 -12.89 9.31 -17.97
CA LEU B 122 -13.06 8.17 -18.86
C LEU B 122 -12.05 8.28 -20.01
N PHE B 123 -11.11 7.33 -20.05
CA PHE B 123 -10.13 7.23 -21.12
C PHE B 123 -10.56 6.15 -22.09
N PRO B 124 -10.68 6.47 -23.38
CA PRO B 124 -10.94 5.45 -24.39
C PRO B 124 -9.66 4.73 -24.78
N PRO B 125 -9.75 3.62 -25.52
CA PRO B 125 -8.54 2.94 -25.95
C PRO B 125 -7.79 3.74 -27.01
N SER B 126 -6.50 3.44 -27.14
CA SER B 126 -5.66 4.01 -28.18
C SER B 126 -5.42 2.98 -29.27
N SER B 127 -4.82 3.43 -30.38
CA SER B 127 -4.51 2.50 -31.46
C SER B 127 -3.48 1.46 -31.02
N GLU B 128 -2.59 1.84 -30.11
CA GLU B 128 -1.61 0.91 -29.56
C GLU B 128 -2.28 -0.33 -28.98
N GLU B 129 -3.19 -0.13 -28.02
CA GLU B 129 -3.90 -1.26 -27.43
C GLU B 129 -4.96 -1.83 -28.37
N LEU B 130 -5.41 -1.06 -29.35
CA LEU B 130 -6.40 -1.57 -30.29
C LEU B 130 -5.80 -2.65 -31.19
N GLN B 131 -4.67 -2.35 -31.83
CA GLN B 131 -4.06 -3.35 -32.71
C GLN B 131 -3.41 -4.48 -31.95
N ALA B 132 -3.06 -4.28 -30.68
CA ALA B 132 -2.56 -5.37 -29.86
C ALA B 132 -3.69 -6.15 -29.19
N ASN B 133 -4.95 -5.83 -29.50
CA ASN B 133 -6.12 -6.49 -28.92
C ASN B 133 -6.10 -6.44 -27.40
N LYS B 134 -5.55 -5.37 -26.85
CA LYS B 134 -5.63 -5.06 -25.43
C LYS B 134 -6.46 -3.80 -25.20
N ALA B 135 -7.45 -3.56 -26.06
CA ALA B 135 -8.28 -2.38 -25.96
C ALA B 135 -9.12 -2.42 -24.69
N THR B 136 -9.11 -1.31 -23.94
CA THR B 136 -9.85 -1.25 -22.70
C THR B 136 -10.24 0.19 -22.39
N LEU B 137 -11.48 0.36 -21.96
CA LEU B 137 -11.95 1.63 -21.42
C LEU B 137 -11.54 1.73 -19.96
N VAL B 138 -11.03 2.90 -19.57
CA VAL B 138 -10.55 3.13 -18.21
C VAL B 138 -11.43 4.21 -17.57
N CYS B 139 -12.06 3.87 -16.45
CA CYS B 139 -12.95 4.80 -15.74
C CYS B 139 -12.35 5.00 -14.36
N LEU B 140 -11.73 6.17 -14.14
CA LEU B 140 -11.09 6.51 -12.88
C LEU B 140 -12.03 7.36 -12.05
N ILE B 141 -12.22 6.98 -10.78
CA ILE B 141 -13.15 7.63 -9.87
C ILE B 141 -12.38 8.04 -8.63
N SER B 142 -12.52 9.30 -8.22
CA SER B 142 -11.67 9.77 -7.13
C SER B 142 -12.38 10.84 -6.31
N ASP B 143 -11.90 10.99 -5.06
CA ASP B 143 -12.24 12.13 -4.21
C ASP B 143 -13.71 12.10 -3.76
N PHE B 144 -14.17 10.93 -3.32
CA PHE B 144 -15.50 10.78 -2.76
C PHE B 144 -15.36 10.16 -1.37
N TYR B 145 -16.00 10.78 -0.38
CA TYR B 145 -15.77 10.31 0.98
C TYR B 145 -16.53 9.01 1.28
N PRO B 146 -17.85 8.94 1.10
CA PRO B 146 -18.54 7.67 1.34
C PRO B 146 -18.01 6.60 0.41
N GLY B 147 -17.40 5.57 0.99
CA GLY B 147 -16.73 4.56 0.19
C GLY B 147 -17.64 3.84 -0.79
N ALA B 148 -18.92 3.70 -0.44
CA ALA B 148 -19.86 3.00 -1.30
C ALA B 148 -20.00 3.72 -2.65
N VAL B 149 -19.80 2.98 -3.72
CA VAL B 149 -19.93 3.53 -5.07
C VAL B 149 -20.23 2.37 -6.02
N GLU B 150 -21.14 2.60 -6.95
CA GLU B 150 -21.55 1.55 -7.88
C GLU B 150 -21.26 1.97 -9.31
N VAL B 151 -20.74 1.03 -10.10
CA VAL B 151 -20.26 1.33 -11.44
C VAL B 151 -21.01 0.44 -12.44
N ALA B 152 -21.43 1.05 -13.55
CA ALA B 152 -22.09 0.33 -14.62
C ALA B 152 -21.53 0.80 -15.95
N TRP B 153 -21.60 -0.07 -16.95
CA TRP B 153 -21.16 0.25 -18.30
C TRP B 153 -22.31 0.06 -19.27
N LYS B 154 -22.34 0.89 -20.31
CA LYS B 154 -23.43 0.91 -21.28
C LYS B 154 -22.88 0.89 -22.71
N ALA B 155 -23.46 0.04 -23.55
CA ALA B 155 -23.10 -0.05 -24.97
C ALA B 155 -24.18 0.62 -25.82
N ASP B 156 -23.99 1.94 -26.03
CA ASP B 156 -24.94 2.77 -26.83
C ASP B 156 -26.17 3.08 -25.98
N GLY B 157 -26.80 2.05 -25.41
CA GLY B 157 -27.92 2.24 -24.52
C GLY B 157 -28.04 1.13 -23.49
N SER B 158 -27.15 0.15 -23.58
CA SER B 158 -27.42 -1.17 -23.03
C SER B 158 -26.29 -1.62 -22.13
N ALA B 159 -26.65 -2.24 -21.01
CA ALA B 159 -25.66 -2.63 -20.00
C ALA B 159 -24.71 -3.68 -20.56
N VAL B 160 -23.42 -3.49 -20.31
CA VAL B 160 -22.40 -4.45 -20.68
C VAL B 160 -22.23 -5.41 -19.52
N ASN B 161 -22.36 -6.71 -19.81
CA ASN B 161 -22.28 -7.74 -18.77
C ASN B 161 -20.85 -8.23 -18.57
N ALA B 162 -20.11 -8.43 -19.65
CA ALA B 162 -18.79 -9.05 -19.61
C ALA B 162 -17.71 -8.04 -19.93
N GLY B 163 -16.50 -8.34 -19.45
CA GLY B 163 -15.34 -7.50 -19.67
C GLY B 163 -15.12 -6.42 -18.63
N VAL B 164 -15.98 -6.30 -17.64
CA VAL B 164 -15.91 -5.23 -16.65
C VAL B 164 -15.21 -5.76 -15.40
N GLU B 165 -14.23 -4.99 -14.90
CA GLU B 165 -13.54 -5.29 -13.66
C GLU B 165 -13.46 -3.99 -12.85
N THR B 166 -14.07 -3.98 -11.68
CA THR B 166 -14.15 -2.80 -10.84
C THR B 166 -13.43 -3.03 -9.53
N THR B 167 -12.51 -2.13 -9.18
CA THR B 167 -11.79 -2.26 -7.93
C THR B 167 -12.67 -1.85 -6.76
N LYS B 168 -12.25 -2.30 -5.58
CA LYS B 168 -12.85 -1.82 -4.34
C LYS B 168 -12.34 -0.41 -4.03
N PRO B 169 -13.20 0.44 -3.48
CA PRO B 169 -12.76 1.79 -3.09
C PRO B 169 -11.68 1.72 -2.03
N SER B 170 -10.69 2.60 -2.17
CA SER B 170 -9.54 2.62 -1.27
C SER B 170 -9.26 4.04 -0.81
N LYS B 171 -8.85 4.18 0.45
CA LYS B 171 -8.54 5.49 1.00
C LYS B 171 -7.24 6.02 0.40
N GLN B 172 -7.26 7.29 0.00
CA GLN B 172 -6.07 7.99 -0.45
C GLN B 172 -5.48 8.77 0.72
N SER B 173 -4.48 9.61 0.42
CA SER B 173 -3.81 10.36 1.47
C SER B 173 -4.73 11.40 2.10
N ASN B 174 -5.65 11.97 1.32
CA ASN B 174 -6.59 12.98 1.81
C ASN B 174 -7.82 12.37 2.47
N ASN B 175 -7.75 11.11 2.88
CA ASN B 175 -8.81 10.38 3.56
C ASN B 175 -10.07 10.23 2.72
N LYS B 176 -10.00 10.52 1.43
CA LYS B 176 -11.09 10.25 0.50
C LYS B 176 -10.81 8.96 -0.25
N TYR B 177 -11.77 8.53 -1.05
CA TYR B 177 -11.71 7.23 -1.69
C TYR B 177 -11.47 7.35 -3.19
N ALA B 178 -10.83 6.32 -3.74
CA ALA B 178 -10.57 6.22 -5.17
C ALA B 178 -10.85 4.80 -5.60
N ALA B 179 -11.25 4.66 -6.86
CA ALA B 179 -11.57 3.37 -7.46
C ALA B 179 -11.40 3.50 -8.97
N SER B 180 -11.46 2.36 -9.64
CA SER B 180 -11.32 2.35 -11.09
C SER B 180 -12.05 1.14 -11.65
N SER B 181 -12.59 1.31 -12.86
CA SER B 181 -13.30 0.26 -13.57
C SER B 181 -12.71 0.14 -14.97
N TYR B 182 -12.36 -1.07 -15.36
CA TYR B 182 -11.78 -1.35 -16.66
C TYR B 182 -12.75 -2.22 -17.45
N LEU B 183 -13.09 -1.77 -18.66
CA LEU B 183 -13.94 -2.53 -19.56
C LEU B 183 -13.07 -3.05 -20.71
N SER B 184 -12.92 -4.37 -20.79
CA SER B 184 -12.11 -4.99 -21.83
C SER B 184 -12.96 -5.29 -23.05
N LEU B 185 -12.46 -4.90 -24.22
CA LEU B 185 -13.20 -5.07 -25.47
C LEU B 185 -12.24 -5.41 -26.59
N THR B 186 -12.74 -6.14 -27.58
CA THR B 186 -11.99 -6.41 -28.80
C THR B 186 -12.17 -5.26 -29.78
N SER B 187 -11.26 -5.21 -30.76
CA SER B 187 -11.30 -4.12 -31.75
C SER B 187 -12.62 -4.11 -32.51
N ASP B 188 -13.17 -5.29 -32.79
CA ASP B 188 -14.47 -5.35 -33.46
C ASP B 188 -15.57 -4.77 -32.59
N GLN B 189 -15.53 -5.07 -31.29
CA GLN B 189 -16.54 -4.52 -30.38
C GLN B 189 -16.42 -3.00 -30.27
N TRP B 190 -15.19 -2.49 -30.24
CA TRP B 190 -15.00 -1.05 -30.13
C TRP B 190 -15.43 -0.33 -31.41
N LYS B 191 -15.10 -0.90 -32.57
CA LYS B 191 -15.44 -0.26 -33.85
C LYS B 191 -16.89 -0.47 -34.25
N SER B 192 -17.56 -1.47 -33.67
CA SER B 192 -18.93 -1.77 -34.07
C SER B 192 -19.93 -0.81 -33.43
N HIS B 193 -19.80 -0.57 -32.13
CA HIS B 193 -20.75 0.26 -31.41
C HIS B 193 -20.47 1.74 -31.63
N LYS B 194 -21.50 2.56 -31.39
CA LYS B 194 -21.40 4.00 -31.59
C LYS B 194 -20.81 4.72 -30.38
N SER B 195 -21.05 4.22 -29.18
CA SER B 195 -20.56 4.89 -27.98
C SER B 195 -20.54 3.92 -26.81
N TYR B 196 -19.66 4.19 -25.85
CA TYR B 196 -19.59 3.45 -24.61
C TYR B 196 -19.65 4.42 -23.45
N SER B 197 -20.35 4.04 -22.38
CA SER B 197 -20.57 4.92 -21.25
C SER B 197 -20.19 4.25 -19.95
N CYS B 198 -19.49 5.00 -19.10
CA CYS B 198 -19.25 4.63 -17.71
C CYS B 198 -20.17 5.47 -16.83
N GLN B 199 -21.01 4.79 -16.04
CA GLN B 199 -21.97 5.44 -15.14
C GLN B 199 -21.57 5.12 -13.71
N VAL B 200 -21.36 6.17 -12.92
CA VAL B 200 -20.91 6.05 -11.54
C VAL B 200 -22.00 6.62 -10.64
N THR B 201 -22.47 5.81 -9.70
CA THR B 201 -23.55 6.18 -8.81
C THR B 201 -23.04 6.22 -7.38
N HIS B 202 -23.40 7.30 -6.68
CA HIS B 202 -22.90 7.57 -5.33
C HIS B 202 -23.97 8.36 -4.58
N GLU B 203 -24.52 7.74 -3.54
CA GLU B 203 -25.53 8.35 -2.67
C GLU B 203 -26.67 8.95 -3.49
N GLY B 204 -27.20 8.16 -4.41
CA GLY B 204 -28.33 8.59 -5.21
C GLY B 204 -28.02 9.60 -6.28
N SER B 205 -26.75 9.88 -6.54
CA SER B 205 -26.35 10.79 -7.62
C SER B 205 -25.59 10.01 -8.69
N THR B 206 -25.75 10.43 -9.94
CA THR B 206 -25.20 9.72 -11.08
C THR B 206 -24.31 10.65 -11.90
N VAL B 207 -23.16 10.12 -12.31
CA VAL B 207 -22.25 10.81 -13.22
C VAL B 207 -21.92 9.85 -14.35
N GLU B 208 -22.28 10.23 -15.57
CA GLU B 208 -22.11 9.38 -16.74
C GLU B 208 -21.18 10.05 -17.73
N LYS B 209 -20.13 9.33 -18.14
CA LYS B 209 -19.21 9.77 -19.17
C LYS B 209 -19.34 8.86 -20.38
N THR B 210 -19.23 9.45 -21.58
CA THR B 210 -19.45 8.72 -22.83
C THR B 210 -18.31 9.01 -23.80
N VAL B 211 -17.92 7.98 -24.56
CA VAL B 211 -16.86 8.09 -25.56
C VAL B 211 -17.30 7.39 -26.84
N ALA B 212 -16.71 7.83 -27.94
CA ALA B 212 -17.02 7.37 -29.29
C ALA B 212 -15.76 6.92 -30.00
N PRO B 213 -15.86 5.96 -30.95
CA PRO B 213 -14.67 5.43 -31.65
C PRO B 213 -14.21 6.27 -32.83
N ALA B 214 -14.58 7.56 -32.84
CA ALA B 214 -14.71 8.37 -34.05
C ALA B 214 -13.70 8.05 -35.15
N GLU B 215 -12.41 8.09 -34.83
CA GLU B 215 -11.35 7.74 -35.80
C GLU B 215 -9.97 7.76 -35.16
#